data_4WQ9
#
_entry.id   4WQ9
#
_cell.length_a   79.289
_cell.length_b   69.864
_cell.length_c   57.805
_cell.angle_alpha   90.00
_cell.angle_beta   129.42
_cell.angle_gamma   90.00
#
_symmetry.space_group_name_H-M   'C 1 2 1'
#
loop_
_entity.id
_entity.type
_entity.pdbx_description
1 polymer 'Thiosulfate dehydrogenase'
2 non-polymer 'HEME C'
3 non-polymer 'IODIDE ION'
4 non-polymer 'SULFATE ION'
5 non-polymer 1,2-ETHANEDIOL
6 non-polymer 'HYDROSULFURIC ACID'
7 non-polymer THIOSULFATE
8 water water
#
_entity_poly.entity_id   1
_entity_poly.type   'polypeptide(L)'
_entity_poly.pdbx_seq_one_letter_code
;MEPPTVALTVPAAALLPDGALGESIVRGRRYLSDTPAQLPDFVGNGLACRHCHPGRDGEVGTEANAAPFVGVVGRFPQYS
ARHGRLITLEQRIGD(CSD)FERSLNGRALALDHPALIDMLAYMSWLSQGVPVGAVVAGHGIPTLTLEREPDGVHGEALY
QARCLACHGADGSGTLDADGRYLFPPLWGPRSFNTGAGMNRQATAAGFIKHKMPLGADDSLSDEEAWDVAGFVLTHPRPL
FQEPTGDAWSHPQFEK
;
_entity_poly.pdbx_strand_id   A
#
loop_
_chem_comp.id
_chem_comp.type
_chem_comp.name
_chem_comp.formula
EDO non-polymer 1,2-ETHANEDIOL 'C2 H6 O2'
H2S non-polymer 'HYDROSULFURIC ACID' 'H2 S'
HEC non-polymer 'HEME C' 'C34 H34 Fe N4 O4'
IOD non-polymer 'IODIDE ION' 'I -1'
SO4 non-polymer 'SULFATE ION' 'O4 S -2'
THJ non-polymer THIOSULFATE 'O3 S2 -2'
#
# COMPACT_ATOMS: atom_id res chain seq x y z
N THR A 5 13.03 18.34 -2.22
CA THR A 5 12.51 17.18 -2.93
C THR A 5 12.74 17.27 -4.44
N VAL A 6 12.73 16.13 -5.12
CA VAL A 6 12.66 16.11 -6.59
C VAL A 6 11.25 15.67 -6.99
N ALA A 7 10.84 16.05 -8.19
CA ALA A 7 9.48 15.77 -8.63
C ALA A 7 9.28 14.29 -8.92
N LEU A 8 8.02 13.87 -8.83
CA LEU A 8 7.63 12.50 -9.12
C LEU A 8 7.31 12.37 -10.61
N THR A 9 8.00 11.47 -11.29
CA THR A 9 7.63 11.07 -12.66
C THR A 9 7.64 9.58 -12.76
N VAL A 10 6.91 9.08 -13.75
CA VAL A 10 6.77 7.67 -13.98
C VAL A 10 7.45 7.36 -15.31
N PRO A 11 8.36 6.38 -15.33
CA PRO A 11 9.03 6.03 -16.59
C PRO A 11 8.06 5.41 -17.59
N ALA A 12 8.41 5.46 -18.86
CA ALA A 12 7.57 4.91 -19.91
C ALA A 12 7.77 3.40 -20.09
N ALA A 13 6.67 2.64 -20.00
CA ALA A 13 6.71 1.19 -20.18
C ALA A 13 7.27 0.78 -21.54
N ALA A 14 7.03 1.59 -22.56
CA ALA A 14 7.50 1.27 -23.90
C ALA A 14 9.01 1.34 -24.01
N LEU A 15 9.66 1.99 -23.05
CA LEU A 15 11.11 2.10 -23.04
C LEU A 15 11.77 1.07 -22.13
N LEU A 16 11.01 0.07 -21.68
CA LEU A 16 11.60 -1.03 -20.93
C LEU A 16 12.61 -1.78 -21.77
N PRO A 17 13.74 -2.17 -21.16
CA PRO A 17 14.78 -2.82 -21.95
C PRO A 17 14.43 -4.28 -22.24
N ASP A 18 14.81 -4.77 -23.41
CA ASP A 18 14.75 -6.20 -23.66
C ASP A 18 15.79 -6.89 -22.76
N GLY A 19 15.50 -8.11 -22.34
CA GLY A 19 16.44 -8.91 -21.58
C GLY A 19 15.98 -9.29 -20.20
N ALA A 20 16.93 -9.71 -19.36
CA ALA A 20 16.62 -10.27 -18.06
C ALA A 20 16.00 -9.23 -17.14
N LEU A 21 16.55 -8.02 -17.16
CA LEU A 21 16.04 -6.95 -16.31
C LEU A 21 14.62 -6.58 -16.72
N GLY A 22 14.40 -6.38 -18.00
CA GLY A 22 13.06 -6.07 -18.45
C GLY A 22 12.04 -7.11 -18.06
N GLU A 23 12.39 -8.39 -18.19
CA GLU A 23 11.46 -9.46 -17.82
C GLU A 23 11.20 -9.50 -16.32
N SER A 24 12.23 -9.22 -15.54
CA SER A 24 12.14 -9.12 -14.10
C SER A 24 11.19 -7.98 -13.66
N ILE A 25 11.31 -6.82 -14.31
CA ILE A 25 10.48 -5.66 -13.99
C ILE A 25 9.01 -5.98 -14.21
N VAL A 26 8.71 -6.61 -15.34
CA VAL A 26 7.34 -7.01 -15.67
C VAL A 26 6.78 -8.01 -14.65
N ARG A 27 7.57 -9.01 -14.25
CA ARG A 27 7.12 -9.94 -13.24
C ARG A 27 6.88 -9.21 -11.92
N GLY A 28 7.75 -8.25 -11.59
CA GLY A 28 7.63 -7.51 -10.35
C GLY A 28 6.33 -6.75 -10.28
N ARG A 29 5.94 -6.15 -11.41
CA ARG A 29 4.72 -5.38 -11.45
C ARG A 29 3.55 -6.30 -11.11
N ARG A 30 3.59 -7.51 -11.66
CA ARG A 30 2.51 -8.46 -11.45
CA ARG A 30 2.51 -8.45 -11.46
C ARG A 30 2.47 -8.94 -10.00
N TYR A 31 3.64 -9.13 -9.39
CA TYR A 31 3.66 -9.54 -7.99
C TYR A 31 3.03 -8.45 -7.12
N LEU A 32 3.27 -7.19 -7.47
CA LEU A 32 2.78 -6.08 -6.67
C LEU A 32 1.29 -5.82 -6.93
N SER A 33 0.81 -6.17 -8.11
CA SER A 33 -0.58 -5.90 -8.48
CA SER A 33 -0.57 -5.91 -8.51
C SER A 33 -1.53 -7.06 -8.17
N ASP A 34 -1.00 -8.25 -8.04
CA ASP A 34 -1.79 -9.48 -7.95
C ASP A 34 -1.21 -10.41 -6.90
N THR A 35 -0.85 -9.84 -5.77
CA THR A 35 -0.01 -10.53 -4.80
C THR A 35 -0.59 -11.82 -4.23
N PRO A 36 -1.86 -11.80 -3.76
CA PRO A 36 -2.36 -13.06 -3.17
C PRO A 36 -2.33 -14.25 -4.14
N ALA A 37 -2.61 -14.01 -5.41
CA ALA A 37 -2.68 -15.09 -6.40
C ALA A 37 -1.29 -15.53 -6.83
N GLN A 38 -0.33 -14.61 -6.85
CA GLN A 38 1.01 -14.90 -7.36
C GLN A 38 1.91 -15.46 -6.28
N LEU A 39 1.66 -15.10 -5.02
CA LEU A 39 2.50 -15.49 -3.89
C LEU A 39 1.68 -16.03 -2.73
N PRO A 40 0.90 -17.08 -2.98
CA PRO A 40 -0.04 -17.57 -1.97
C PRO A 40 0.62 -18.01 -0.66
N ASP A 41 1.85 -18.52 -0.73
CA ASP A 41 2.53 -19.02 0.46
C ASP A 41 2.92 -17.88 1.39
N PHE A 42 2.88 -16.65 0.88
CA PHE A 42 3.42 -15.51 1.63
C PHE A 42 2.34 -14.49 1.98
N VAL A 43 1.12 -14.68 1.47
CA VAL A 43 0.04 -13.72 1.70
C VAL A 43 -1.07 -14.40 2.48
N GLY A 44 -1.46 -13.78 3.59
CA GLY A 44 -2.44 -14.36 4.48
C GLY A 44 -3.81 -13.74 4.41
N ASN A 45 -3.98 -12.72 3.58
CA ASN A 45 -5.27 -12.06 3.47
C ASN A 45 -5.61 -11.79 2.02
N GLY A 46 -6.56 -10.89 1.77
CA GLY A 46 -7.02 -10.62 0.41
C GLY A 46 -6.36 -9.43 -0.26
N LEU A 47 -5.35 -8.82 0.37
CA LEU A 47 -4.77 -7.57 -0.17
C LEU A 47 -3.60 -7.81 -1.11
N ALA A 48 -3.55 -7.00 -2.16
CA ALA A 48 -2.36 -6.84 -2.98
C ALA A 48 -1.68 -5.54 -2.61
N CYS A 49 -0.42 -5.42 -2.96
CA CYS A 49 0.30 -4.20 -2.60
C CYS A 49 -0.40 -2.99 -3.19
N ARG A 50 -0.98 -3.15 -4.38
CA ARG A 50 -1.63 -2.04 -5.08
C ARG A 50 -2.85 -1.48 -4.35
N HIS A 51 -3.37 -2.21 -3.39
CA HIS A 51 -4.56 -1.73 -2.68
C HIS A 51 -4.29 -0.57 -1.74
N CYS A 52 -3.03 -0.38 -1.35
CA CYS A 52 -2.64 0.82 -0.63
C CYS A 52 -1.59 1.64 -1.35
N HIS A 53 -0.99 1.04 -2.38
CA HIS A 53 0.01 1.71 -3.20
C HIS A 53 -0.48 1.74 -4.65
N PRO A 54 -1.58 2.44 -4.91
CA PRO A 54 -2.14 2.41 -6.27
C PRO A 54 -1.25 3.07 -7.32
N GLY A 55 -1.51 2.74 -8.58
CA GLY A 55 -0.85 3.42 -9.67
C GLY A 55 -1.77 3.49 -10.88
N ARG A 56 -1.44 4.39 -11.81
CA ARG A 56 -2.20 4.56 -13.04
C ARG A 56 -1.63 3.69 -14.15
N ASP A 57 -2.48 3.36 -15.12
CA ASP A 57 -2.04 2.72 -16.37
C ASP A 57 -1.38 1.36 -16.15
N GLY A 58 -1.87 0.62 -15.15
CA GLY A 58 -1.37 -0.71 -14.88
C GLY A 58 -0.20 -0.74 -13.92
N GLU A 59 0.39 0.43 -13.66
CA GLU A 59 1.53 0.47 -12.77
C GLU A 59 1.06 0.43 -11.31
N VAL A 60 2.00 0.20 -10.42
CA VAL A 60 1.74 0.12 -9.00
C VAL A 60 2.70 1.06 -8.32
N GLY A 61 2.21 1.81 -7.34
CA GLY A 61 3.09 2.64 -6.54
C GLY A 61 3.54 3.91 -7.26
N THR A 62 2.65 4.55 -7.99
CA THR A 62 3.01 5.75 -8.73
C THR A 62 2.24 7.00 -8.30
N GLU A 63 1.43 6.90 -7.27
CA GLU A 63 0.55 8.02 -6.87
CA GLU A 63 0.55 8.01 -6.85
C GLU A 63 1.05 8.76 -5.63
N ALA A 64 1.21 10.08 -5.78
CA ALA A 64 1.62 10.95 -4.69
C ALA A 64 0.64 10.78 -3.52
N ASN A 65 1.22 10.77 -2.32
CA ASN A 65 0.48 10.66 -1.07
C ASN A 65 -0.18 9.31 -0.84
N ALA A 66 0.10 8.35 -1.72
CA ALA A 66 -0.29 6.97 -1.51
C ALA A 66 0.95 6.10 -1.55
N ALA A 67 1.97 6.55 -0.84
CA ALA A 67 3.21 5.79 -0.67
C ALA A 67 3.78 5.26 -2.00
N PRO A 68 4.05 6.15 -2.94
CA PRO A 68 4.63 5.70 -4.20
C PRO A 68 6.00 5.07 -4.03
N PHE A 69 6.32 4.15 -4.91
CA PHE A 69 7.62 3.49 -4.92
C PHE A 69 8.59 4.25 -5.80
N VAL A 70 8.12 5.29 -6.49
CA VAL A 70 9.03 6.09 -7.29
C VAL A 70 10.02 6.76 -6.34
N GLY A 71 11.30 6.40 -6.48
CA GLY A 71 12.35 6.95 -5.65
C GLY A 71 12.61 6.23 -4.34
N VAL A 72 11.93 5.10 -4.11
CA VAL A 72 12.08 4.45 -2.83
C VAL A 72 13.47 3.82 -2.66
N VAL A 73 14.06 3.33 -3.75
CA VAL A 73 15.26 2.53 -3.63
C VAL A 73 16.45 3.35 -3.13
N GLY A 74 16.47 4.63 -3.46
CA GLY A 74 17.55 5.52 -3.04
C GLY A 74 17.47 5.97 -1.60
N ARG A 75 16.40 5.58 -0.90
CA ARG A 75 16.22 5.96 0.50
C ARG A 75 16.55 4.83 1.48
N PHE A 76 16.99 3.70 0.96
CA PHE A 76 17.36 2.56 1.78
C PHE A 76 18.83 2.22 1.52
N PRO A 77 19.55 1.73 2.54
CA PRO A 77 19.06 1.37 3.87
C PRO A 77 18.75 2.59 4.73
N GLN A 78 17.89 2.38 5.72
CA GLN A 78 17.48 3.46 6.60
C GLN A 78 17.10 2.87 7.95
N TYR A 79 17.14 3.71 8.97
CA TYR A 79 16.78 3.28 10.30
C TYR A 79 15.29 2.95 10.37
N SER A 80 15.00 1.87 11.09
CA SER A 80 13.63 1.48 11.40
C SER A 80 13.47 1.38 12.89
N ALA A 81 12.53 2.14 13.43
CA ALA A 81 12.28 2.10 14.86
C ALA A 81 11.62 0.77 15.23
N ARG A 82 10.89 0.18 14.28
CA ARG A 82 10.31 -1.16 14.47
C ARG A 82 11.39 -2.18 14.76
N HIS A 83 12.53 -2.04 14.07
CA HIS A 83 13.60 -3.02 14.16
C HIS A 83 14.70 -2.59 15.12
N GLY A 84 14.78 -1.31 15.42
CA GLY A 84 15.83 -0.77 16.25
C GLY A 84 17.19 -0.69 15.57
N ARG A 85 17.19 -0.69 14.25
CA ARG A 85 18.43 -0.66 13.49
C ARG A 85 18.15 -0.36 12.02
N LEU A 86 19.22 -0.16 11.25
CA LEU A 86 19.09 0.01 9.81
C LEU A 86 18.53 -1.26 9.19
N ILE A 87 17.65 -1.07 8.21
CA ILE A 87 17.13 -2.13 7.39
C ILE A 87 17.27 -1.82 5.91
N THR A 88 17.27 -2.89 5.12
CA THR A 88 17.28 -2.77 3.67
C THR A 88 15.88 -2.71 3.11
N LEU A 89 15.76 -2.36 1.83
CA LEU A 89 14.46 -2.35 1.18
C LEU A 89 13.85 -3.77 1.13
N GLU A 90 14.68 -4.79 0.93
CA GLU A 90 14.26 -6.18 0.96
C GLU A 90 13.54 -6.49 2.25
N GLN A 91 14.11 -6.01 3.36
CA GLN A 91 13.52 -6.25 4.66
C GLN A 91 12.21 -5.46 4.83
N ARG A 92 12.19 -4.24 4.31
CA ARG A 92 11.03 -3.38 4.42
C ARG A 92 9.85 -4.02 3.69
N ILE A 93 10.11 -4.61 2.53
CA ILE A 93 9.06 -5.29 1.78
C ILE A 93 8.51 -6.46 2.58
N GLY A 94 9.41 -7.21 3.21
CA GLY A 94 9.02 -8.30 4.07
C GLY A 94 8.09 -7.83 5.18
N ASP A 95 8.34 -6.63 5.71
CA ASP A 95 7.53 -6.15 6.82
C ASP A 95 6.10 -5.98 6.35
N CSD A 96 5.89 -5.59 5.10
CA CSD A 96 4.53 -5.40 4.68
CB CSD A 96 4.33 -4.13 3.90
SG CSD A 96 4.02 -2.98 5.12
C CSD A 96 3.83 -6.65 4.13
O CSD A 96 2.60 -6.70 3.96
OD1 CSD A 96 2.75 -3.20 5.66
OD2 CSD A 96 5.16 -2.85 5.92
N CYS A 96 5.93 -5.54 5.11
CA CYS A 96 4.60 -5.33 4.56
C CYS A 96 3.88 -6.66 4.32
N PHE A 97 4.62 -7.69 3.88
CA PHE A 97 4.05 -9.01 3.71
C PHE A 97 3.53 -9.50 5.06
N GLU A 98 4.29 -9.27 6.13
CA GLU A 98 3.94 -9.74 7.48
C GLU A 98 2.76 -8.98 8.09
N ARG A 99 2.66 -7.70 7.75
CA ARG A 99 1.73 -6.81 8.41
C ARG A 99 0.54 -6.52 7.52
N SER A 100 0.72 -5.73 6.47
CA SER A 100 -0.42 -5.38 5.62
C SER A 100 -1.06 -6.56 4.89
N LEU A 101 -0.27 -7.60 4.61
CA LEU A 101 -0.77 -8.78 3.91
C LEU A 101 -0.89 -9.97 4.85
N ASN A 102 -0.68 -9.73 6.14
CA ASN A 102 -0.93 -10.75 7.17
C ASN A 102 -0.30 -12.10 6.85
N GLY A 103 0.91 -12.05 6.32
CA GLY A 103 1.53 -13.24 5.76
C GLY A 103 2.92 -13.48 6.31
N ARG A 104 3.83 -13.79 5.39
CA ARG A 104 5.19 -14.18 5.74
C ARG A 104 6.13 -13.49 4.80
N ALA A 105 7.24 -13.01 5.34
CA ALA A 105 8.26 -12.39 4.53
C ALA A 105 8.93 -13.38 3.58
N LEU A 106 9.25 -12.91 2.38
CA LEU A 106 10.04 -13.67 1.42
CA LEU A 106 10.03 -13.70 1.44
C LEU A 106 11.50 -13.69 1.86
N ALA A 107 12.19 -14.79 1.55
CA ALA A 107 13.62 -14.85 1.75
C ALA A 107 14.24 -13.69 1.01
N LEU A 108 15.34 -13.19 1.54
CA LEU A 108 15.92 -11.94 1.03
C LEU A 108 16.58 -12.08 -0.34
N ASP A 109 16.70 -13.31 -0.82
CA ASP A 109 17.17 -13.57 -2.18
C ASP A 109 16.13 -14.33 -3.00
N HIS A 110 14.88 -14.30 -2.54
CA HIS A 110 13.81 -14.93 -3.29
C HIS A 110 13.65 -14.23 -4.66
N PRO A 111 13.55 -14.99 -5.74
CA PRO A 111 13.45 -14.35 -7.06
C PRO A 111 12.25 -13.38 -7.19
N ALA A 112 11.14 -13.67 -6.53
CA ALA A 112 9.97 -12.77 -6.60
C ALA A 112 10.29 -11.46 -5.91
N LEU A 113 11.00 -11.54 -4.80
CA LEU A 113 11.43 -10.33 -4.10
C LEU A 113 12.38 -9.48 -4.96
N ILE A 114 13.32 -10.14 -5.62
CA ILE A 114 14.24 -9.44 -6.47
C ILE A 114 13.50 -8.80 -7.64
N ASP A 115 12.48 -9.49 -8.17
CA ASP A 115 11.66 -8.91 -9.23
C ASP A 115 10.91 -7.65 -8.74
N MET A 116 10.36 -7.71 -7.53
CA MET A 116 9.72 -6.51 -6.96
C MET A 116 10.73 -5.38 -6.80
N LEU A 117 11.95 -5.69 -6.36
CA LEU A 117 13.02 -4.69 -6.25
C LEU A 117 13.33 -4.10 -7.63
N ALA A 118 13.40 -4.95 -8.65
CA ALA A 118 13.71 -4.48 -9.99
C ALA A 118 12.65 -3.51 -10.48
N TYR A 119 11.38 -3.83 -10.22
CA TYR A 119 10.31 -2.93 -10.58
C TYR A 119 10.41 -1.59 -9.84
N MET A 120 10.66 -1.64 -8.53
CA MET A 120 10.81 -0.40 -7.77
C MET A 120 12.02 0.39 -8.27
N SER A 121 13.08 -0.29 -8.66
CA SER A 121 14.26 0.40 -9.17
C SER A 121 13.95 1.04 -10.52
N TRP A 122 13.17 0.35 -11.34
CA TRP A 122 12.75 0.93 -12.62
C TRP A 122 11.92 2.20 -12.40
N LEU A 123 10.95 2.14 -11.50
CA LEU A 123 10.15 3.32 -11.19
C LEU A 123 11.01 4.47 -10.68
N SER A 124 12.15 4.13 -10.08
CA SER A 124 13.03 5.10 -9.47
C SER A 124 14.11 5.59 -10.43
N GLN A 125 14.04 5.18 -11.69
CA GLN A 125 15.09 5.55 -12.62
C GLN A 125 15.24 7.06 -12.70
N GLY A 126 16.49 7.52 -12.65
CA GLY A 126 16.79 8.94 -12.71
C GLY A 126 16.74 9.67 -11.37
N VAL A 127 16.22 9.04 -10.32
CA VAL A 127 16.13 9.71 -9.01
C VAL A 127 17.49 9.64 -8.33
N PRO A 128 18.06 10.79 -7.94
CA PRO A 128 19.38 10.74 -7.27
C PRO A 128 19.32 9.99 -5.95
N VAL A 129 20.31 9.16 -5.70
CA VAL A 129 20.36 8.43 -4.46
C VAL A 129 20.36 9.45 -3.32
N GLY A 130 19.48 9.21 -2.35
CA GLY A 130 19.33 10.08 -1.19
C GLY A 130 18.24 11.12 -1.32
N ALA A 131 17.84 11.43 -2.54
CA ALA A 131 16.85 12.47 -2.79
C ALA A 131 15.50 11.97 -2.36
N VAL A 132 14.65 12.90 -1.95
CA VAL A 132 13.30 12.58 -1.54
C VAL A 132 12.33 13.03 -2.63
N VAL A 133 11.49 12.12 -3.10
CA VAL A 133 10.49 12.44 -4.13
C VAL A 133 9.27 13.08 -3.51
N ALA A 134 8.82 14.18 -4.12
CA ALA A 134 7.62 14.87 -3.68
C ALA A 134 6.43 13.93 -3.78
N GLY A 135 5.70 13.81 -2.68
CA GLY A 135 4.54 12.94 -2.63
C GLY A 135 4.85 11.58 -2.06
N HIS A 136 6.09 11.37 -1.63
CA HIS A 136 6.43 10.09 -1.01
C HIS A 136 5.57 9.83 0.25
N GLY A 137 5.45 8.56 0.61
CA GLY A 137 4.75 8.20 1.81
C GLY A 137 3.26 8.49 1.78
N ILE A 138 2.65 8.36 2.96
CA ILE A 138 1.26 8.71 3.18
C ILE A 138 1.29 9.73 4.29
N PRO A 139 1.19 11.01 3.94
CA PRO A 139 1.16 12.06 4.97
C PRO A 139 0.02 11.86 5.96
N THR A 140 0.31 11.99 7.23
CA THR A 140 -0.70 11.79 8.25
C THR A 140 -1.65 12.98 8.30
N LEU A 141 -2.85 12.72 8.77
CA LEU A 141 -3.80 13.76 9.12
C LEU A 141 -4.12 13.55 10.58
N THR A 142 -3.88 14.56 11.39
CA THR A 142 -4.15 14.48 12.82
C THR A 142 -4.98 15.68 13.22
N LEU A 143 -6.12 15.43 13.84
CA LEU A 143 -6.97 16.51 14.36
C LEU A 143 -6.83 16.60 15.87
N GLU A 144 -7.20 17.77 16.41
CA GLU A 144 -7.02 18.06 17.82
C GLU A 144 -8.26 17.70 18.63
N ARG A 145 -8.89 16.59 18.26
CA ARG A 145 -10.01 16.01 19.02
C ARG A 145 -10.09 14.53 18.72
N GLU A 146 -10.81 13.80 19.59
CA GLU A 146 -11.05 12.38 19.40
C GLU A 146 -11.81 12.13 18.09
N PRO A 147 -11.45 11.05 17.36
CA PRO A 147 -12.31 10.70 16.22
C PRO A 147 -13.67 10.22 16.68
N ASP A 148 -14.69 10.74 16.03
CA ASP A 148 -16.09 10.46 16.42
C ASP A 148 -16.61 9.33 15.55
N GLY A 149 -16.67 8.13 16.11
CA GLY A 149 -17.01 6.95 15.35
C GLY A 149 -18.47 6.83 15.01
N VAL A 150 -19.31 7.58 15.74
CA VAL A 150 -20.73 7.64 15.42
C VAL A 150 -20.91 8.43 14.13
N HIS A 151 -20.28 9.59 14.06
CA HIS A 151 -20.26 10.35 12.84
C HIS A 151 -19.60 9.51 11.74
N GLY A 152 -18.51 8.83 12.09
CA GLY A 152 -17.80 8.00 11.13
C GLY A 152 -18.67 6.93 10.52
N GLU A 153 -19.52 6.31 11.34
CA GLU A 153 -20.38 5.25 10.85
C GLU A 153 -21.36 5.82 9.82
N ALA A 154 -21.89 7.02 10.09
CA ALA A 154 -22.85 7.65 9.18
C ALA A 154 -22.14 7.99 7.86
N LEU A 155 -20.93 8.52 7.97
CA LEU A 155 -20.15 8.85 6.78
C LEU A 155 -19.84 7.60 5.98
N TYR A 156 -19.48 6.53 6.68
CA TYR A 156 -19.18 5.28 6.01
C TYR A 156 -20.39 4.78 5.20
N GLN A 157 -21.57 4.75 5.82
CA GLN A 157 -22.74 4.30 5.10
C GLN A 157 -23.04 5.15 3.86
N ALA A 158 -22.78 6.45 3.94
CA ALA A 158 -23.10 7.35 2.84
C ALA A 158 -22.05 7.41 1.76
N ARG A 159 -20.80 7.15 2.11
CA ARG A 159 -19.69 7.49 1.20
C ARG A 159 -18.78 6.33 0.86
N CYS A 160 -18.87 5.20 1.57
CA CYS A 160 -17.86 4.15 1.44
C CYS A 160 -18.46 2.77 1.24
N LEU A 161 -19.59 2.55 1.89
CA LEU A 161 -20.23 1.23 1.94
C LEU A 161 -20.52 0.63 0.57
N ALA A 162 -20.92 1.47 -0.36
CA ALA A 162 -21.28 0.99 -1.71
C ALA A 162 -20.14 0.18 -2.34
N CYS A 163 -18.90 0.55 -2.02
CA CYS A 163 -17.74 -0.19 -2.50
C CYS A 163 -17.18 -1.20 -1.51
N HIS A 164 -16.97 -0.77 -0.27
CA HIS A 164 -16.25 -1.58 0.70
C HIS A 164 -17.13 -2.52 1.54
N GLY A 165 -18.44 -2.36 1.45
CA GLY A 165 -19.37 -3.30 2.04
C GLY A 165 -19.90 -2.92 3.41
N ALA A 166 -21.12 -3.36 3.68
CA ALA A 166 -21.74 -3.12 4.98
C ALA A 166 -20.91 -3.75 6.09
N ASP A 167 -20.25 -4.86 5.76
CA ASP A 167 -19.43 -5.61 6.70
C ASP A 167 -17.94 -5.36 6.50
N GLY A 168 -17.58 -4.38 5.68
CA GLY A 168 -16.20 -4.03 5.43
C GLY A 168 -15.43 -5.06 4.63
N SER A 169 -16.12 -6.01 4.00
CA SER A 169 -15.44 -7.14 3.42
C SER A 169 -15.10 -6.96 1.94
N GLY A 170 -15.42 -5.79 1.39
CA GLY A 170 -15.05 -5.47 0.03
C GLY A 170 -15.91 -6.11 -1.05
N THR A 171 -15.48 -5.94 -2.30
CA THR A 171 -16.18 -6.45 -3.46
C THR A 171 -15.19 -7.20 -4.33
N LEU A 172 -15.45 -8.49 -4.55
CA LEU A 172 -14.63 -9.30 -5.42
C LEU A 172 -14.92 -9.05 -6.88
N ASP A 173 -13.89 -9.11 -7.72
CA ASP A 173 -14.12 -9.13 -9.16
C ASP A 173 -14.35 -10.56 -9.66
N ALA A 174 -14.55 -10.70 -10.97
CA ALA A 174 -14.95 -11.98 -11.55
C ALA A 174 -13.84 -13.03 -11.48
N ASP A 175 -12.60 -12.59 -11.29
CA ASP A 175 -11.48 -13.52 -11.21
C ASP A 175 -11.03 -13.77 -9.78
N GLY A 176 -11.82 -13.30 -8.82
CA GLY A 176 -11.53 -13.58 -7.42
C GLY A 176 -10.53 -12.64 -6.78
N ARG A 177 -10.11 -11.61 -7.49
CA ARG A 177 -9.28 -10.56 -6.89
C ARG A 177 -10.23 -9.49 -6.33
N TYR A 178 -9.78 -8.74 -5.33
CA TYR A 178 -10.60 -7.64 -4.84
C TYR A 178 -10.59 -6.44 -5.76
N LEU A 179 -11.78 -6.09 -6.26
CA LEU A 179 -11.98 -4.83 -6.97
C LEU A 179 -11.95 -3.70 -5.95
N PHE A 180 -12.74 -3.87 -4.88
CA PHE A 180 -12.73 -2.95 -3.75
C PHE A 180 -12.31 -3.76 -2.54
N PRO A 181 -11.17 -3.40 -1.91
CA PRO A 181 -10.63 -4.30 -0.90
C PRO A 181 -11.28 -4.23 0.46
N PRO A 182 -11.12 -5.28 1.26
CA PRO A 182 -11.66 -5.32 2.63
C PRO A 182 -10.96 -4.35 3.57
N LEU A 183 -11.76 -3.66 4.39
CA LEU A 183 -11.27 -2.64 5.33
C LEU A 183 -11.12 -3.14 6.76
N TRP A 184 -11.78 -4.24 7.08
CA TRP A 184 -11.65 -4.88 8.39
C TRP A 184 -12.04 -6.32 8.23
N GLY A 185 -11.94 -7.08 9.31
CA GLY A 185 -12.21 -8.51 9.27
C GLY A 185 -11.02 -9.33 8.86
N PRO A 186 -11.21 -10.65 8.76
CA PRO A 186 -10.09 -11.59 8.57
C PRO A 186 -9.33 -11.46 7.24
N ARG A 187 -9.91 -10.80 6.24
CA ARG A 187 -9.25 -10.64 4.95
C ARG A 187 -8.54 -9.31 4.80
N SER A 188 -8.57 -8.48 5.84
CA SER A 188 -8.01 -7.14 5.76
C SER A 188 -6.60 -7.14 6.38
N PHE A 189 -5.97 -5.97 6.41
CA PHE A 189 -4.68 -5.81 7.04
C PHE A 189 -4.71 -6.11 8.54
N ASN A 190 -3.58 -6.52 9.11
CA ASN A 190 -3.56 -6.87 10.53
C ASN A 190 -3.16 -5.68 11.40
N THR A 191 -3.13 -5.89 12.70
CA THR A 191 -2.98 -4.77 13.62
C THR A 191 -1.57 -4.21 13.60
N GLY A 192 -0.66 -4.89 12.92
CA GLY A 192 0.72 -4.44 12.81
C GLY A 192 0.94 -3.50 11.64
N ALA A 193 -0.07 -3.35 10.79
CA ALA A 193 0.04 -2.53 9.59
C ALA A 193 0.02 -1.05 9.93
N GLY A 194 0.76 -0.26 9.16
CA GLY A 194 0.69 1.19 9.29
C GLY A 194 -0.71 1.74 9.14
N MET A 195 -1.50 1.11 8.29
CA MET A 195 -2.86 1.57 8.05
C MET A 195 -3.75 1.38 9.29
N ASN A 196 -3.26 0.65 10.29
CA ASN A 196 -4.01 0.46 11.53
C ASN A 196 -3.83 1.63 12.48
N ARG A 197 -3.03 2.62 12.08
CA ARG A 197 -2.79 3.82 12.89
C ARG A 197 -3.74 4.92 12.43
N GLN A 198 -4.45 5.52 13.39
CA GLN A 198 -5.47 6.52 13.10
C GLN A 198 -5.01 7.62 12.14
N ALA A 199 -3.86 8.22 12.40
CA ALA A 199 -3.44 9.38 11.61
C ALA A 199 -3.03 8.98 10.20
N THR A 200 -2.54 7.76 10.04
CA THR A 200 -2.17 7.25 8.71
C THR A 200 -3.42 6.88 7.89
N ALA A 201 -4.33 6.11 8.49
CA ALA A 201 -5.61 5.83 7.85
C ALA A 201 -6.34 7.12 7.50
N ALA A 202 -6.38 8.07 8.42
CA ALA A 202 -7.07 9.34 8.14
C ALA A 202 -6.39 10.10 6.98
N GLY A 203 -5.06 10.06 6.95
CA GLY A 203 -4.32 10.72 5.88
C GLY A 203 -4.59 10.06 4.54
N PHE A 204 -4.51 8.74 4.51
CA PHE A 204 -4.77 8.03 3.26
C PHE A 204 -6.19 8.34 2.77
N ILE A 205 -7.15 8.22 3.66
CA ILE A 205 -8.55 8.47 3.32
C ILE A 205 -8.72 9.91 2.83
N LYS A 206 -8.16 10.86 3.56
CA LYS A 206 -8.23 12.26 3.16
C LYS A 206 -7.78 12.48 1.71
N HIS A 207 -6.65 11.91 1.35
CA HIS A 207 -6.11 12.15 0.04
C HIS A 207 -6.68 11.26 -1.07
N LYS A 208 -7.17 10.07 -0.72
CA LYS A 208 -7.50 9.08 -1.75
C LYS A 208 -8.93 8.54 -1.77
N MET A 209 -9.72 8.73 -0.71
CA MET A 209 -11.06 8.15 -0.64
C MET A 209 -12.12 9.20 -0.33
N PRO A 210 -13.33 9.05 -0.89
CA PRO A 210 -13.76 8.00 -1.81
C PRO A 210 -13.02 8.06 -3.13
N LEU A 211 -12.94 6.91 -3.79
CA LEU A 211 -12.17 6.78 -5.00
C LEU A 211 -12.65 7.73 -6.08
N GLY A 212 -11.69 8.44 -6.69
CA GLY A 212 -12.02 9.43 -7.68
C GLY A 212 -12.47 10.73 -7.05
N SER A 216 -11.71 14.96 -1.41
CA SER A 216 -12.92 15.77 -1.32
C SER A 216 -13.50 15.77 0.10
N LEU A 217 -13.31 14.67 0.86
CA LEU A 217 -13.74 14.68 2.24
C LEU A 217 -13.05 15.83 2.95
N SER A 218 -13.74 16.44 3.90
CA SER A 218 -13.12 17.40 4.79
C SER A 218 -12.21 16.66 5.76
N ASP A 219 -11.31 17.39 6.40
CA ASP A 219 -10.43 16.81 7.42
C ASP A 219 -11.24 16.11 8.52
N GLU A 220 -12.29 16.77 9.02
CA GLU A 220 -13.09 16.19 10.08
C GLU A 220 -13.76 14.89 9.64
N GLU A 221 -14.25 14.87 8.41
CA GLU A 221 -14.89 13.68 7.86
C GLU A 221 -13.89 12.52 7.72
N ALA A 222 -12.69 12.82 7.22
CA ALA A 222 -11.68 11.78 7.03
C ALA A 222 -11.26 11.19 8.38
N TRP A 223 -11.08 12.08 9.34
CA TRP A 223 -10.69 11.71 10.69
C TRP A 223 -11.74 10.81 11.35
N ASP A 224 -13.00 11.22 11.26
CA ASP A 224 -14.07 10.45 11.88
C ASP A 224 -14.33 9.14 11.18
N VAL A 225 -14.32 9.11 9.85
CA VAL A 225 -14.56 7.83 9.17
C VAL A 225 -13.38 6.87 9.37
N ALA A 226 -12.16 7.39 9.43
CA ALA A 226 -11.02 6.52 9.77
C ALA A 226 -11.23 5.93 11.15
N GLY A 227 -11.70 6.75 12.08
CA GLY A 227 -11.99 6.27 13.41
C GLY A 227 -12.96 5.12 13.39
N PHE A 228 -14.06 5.28 12.67
CA PHE A 228 -15.03 4.20 12.56
C PHE A 228 -14.44 2.91 11.98
N VAL A 229 -13.69 3.05 10.90
CA VAL A 229 -13.09 1.87 10.27
C VAL A 229 -12.24 1.15 11.29
N LEU A 230 -11.45 1.89 12.06
CA LEU A 230 -10.53 1.28 13.00
C LEU A 230 -11.14 0.79 14.31
N THR A 231 -12.46 0.91 14.48
CA THR A 231 -13.10 0.32 15.65
C THR A 231 -13.30 -1.19 15.50
N HIS A 232 -13.10 -1.71 14.30
CA HIS A 232 -13.47 -3.09 13.99
C HIS A 232 -12.36 -4.10 14.20
N PRO A 233 -12.74 -5.38 14.38
CA PRO A 233 -11.71 -6.40 14.52
C PRO A 233 -10.98 -6.67 13.21
N ARG A 234 -9.71 -7.04 13.35
CA ARG A 234 -8.87 -7.49 12.25
C ARG A 234 -7.83 -8.41 12.84
N PRO A 235 -7.08 -9.12 11.98
CA PRO A 235 -6.17 -10.12 12.52
C PRO A 235 -5.11 -9.49 13.41
N LEU A 236 -4.76 -10.21 14.47
CA LEU A 236 -3.73 -9.78 15.39
C LEU A 236 -2.35 -10.08 14.82
N PHE A 237 -1.45 -9.11 14.92
CA PHE A 237 -0.05 -9.33 14.58
C PHE A 237 0.71 -9.67 15.84
FE HEC B . 3.23 -0.83 1.93
CHA HEC B . 5.13 1.81 3.20
CHB HEC B . 6.00 -2.04 0.19
CHC HEC B . 1.36 -3.55 0.84
CHD HEC B . 0.39 0.51 3.50
NA HEC B . 5.18 -0.24 1.72
C1A HEC B . 5.72 0.83 2.30
C2A HEC B . 7.14 0.99 1.93
C3A HEC B . 7.39 -0.13 1.04
C4A HEC B . 6.12 -0.84 0.99
CMA HEC B . 8.68 -0.48 0.37
CAA HEC B . 8.11 2.07 2.33
CBA HEC B . 7.87 3.26 1.41
CGA HEC B . 8.77 4.44 1.70
O1A HEC B . 9.68 4.29 2.55
O2A HEC B . 8.59 5.53 1.09
NB HEC B . 3.60 -2.48 0.77
C1B HEC B . 4.75 -2.76 0.15
C2B HEC B . 4.71 -4.01 -0.62
C3B HEC B . 3.34 -4.47 -0.44
C4B HEC B . 2.75 -3.45 0.44
CMB HEC B . 5.79 -4.61 -1.44
CAB HEC B . 2.73 -5.72 -0.98
CBB HEC B . 3.50 -6.89 -0.39
NC HEC B . 1.27 -1.41 2.16
C1C HEC B . 0.73 -2.49 1.61
C2C HEC B . -0.72 -2.60 1.88
C3C HEC B . -1.03 -1.41 2.68
C4C HEC B . 0.28 -0.75 2.78
CMC HEC B . -1.67 -3.68 1.42
CAC HEC B . -2.32 -0.90 3.25
CBC HEC B . -3.07 -1.92 4.06
ND HEC B . 2.85 0.82 3.12
C1D HEC B . 1.68 1.15 3.65
C2D HEC B . 1.77 2.37 4.46
C3D HEC B . 3.16 2.77 4.40
C4D HEC B . 3.73 1.73 3.54
CMD HEC B . 0.67 3.04 5.22
CAD HEC B . 3.83 3.94 5.06
CBD HEC B . 3.98 5.11 4.10
CGD HEC B . 4.90 6.16 4.68
O1D HEC B . 6.12 5.86 4.80
O2D HEC B . 4.45 7.30 4.98
FE HEC C . -11.73 2.92 -0.60
CHA HEC C . -8.62 1.45 -0.95
CHB HEC C . -11.14 3.43 2.80
CHC HEC C . -14.62 4.89 -0.42
CHD HEC C . -12.63 1.85 -3.78
NA HEC C . -10.18 2.51 0.68
C1A HEC C . -9.03 1.88 0.37
C2A HEC C . -8.20 1.69 1.56
C3A HEC C . -8.93 2.30 2.65
C4A HEC C . -10.16 2.75 2.00
CMA HEC C . -8.54 2.39 4.10
CAA HEC C . -6.86 1.03 1.64
CBA HEC C . -7.01 -0.49 1.35
CGA HEC C . -7.65 -1.37 2.41
O1A HEC C . -8.19 -2.48 2.10
O2A HEC C . -7.66 -1.00 3.60
NB HEC C . -12.66 3.97 0.89
C1B HEC C . -12.30 4.04 2.17
C2B HEC C . -13.19 4.87 2.97
C3B HEC C . -14.17 5.30 2.01
C4B HEC C . -13.78 4.70 0.74
CMB HEC C . -13.12 5.19 4.43
CAB HEC C . -15.33 6.18 2.22
CBB HEC C . -14.81 7.54 2.63
NC HEC C . -13.33 3.30 -1.84
C1C HEC C . -14.38 4.09 -1.60
C2C HEC C . -15.34 4.07 -2.70
C3C HEC C . -14.79 3.15 -3.67
C4C HEC C . -13.52 2.73 -3.03
CMC HEC C . -16.63 4.77 -2.77
CAC HEC C . -15.37 2.67 -4.97
CBC HEC C . -15.72 3.70 -5.97
ND HEC C . -10.80 1.84 -2.10
C1D HEC C . -11.29 1.55 -3.31
C2D HEC C . -10.29 0.87 -4.14
C3D HEC C . -9.13 0.78 -3.29
C4D HEC C . -9.53 1.43 -2.05
CMD HEC C . -10.41 0.37 -5.53
CAD HEC C . -7.78 0.19 -3.61
CBD HEC C . -6.75 1.33 -3.83
CGD HEC C . -6.96 2.16 -5.11
O1D HEC C . -7.03 1.61 -6.23
O2D HEC C . -6.99 3.41 -5.03
I IOD D . -10.62 -10.85 12.50
S SO4 E . -3.57 4.88 16.86
O1 SO4 E . -2.43 5.61 16.32
O2 SO4 E . -4.45 4.45 15.79
O3 SO4 E . -3.10 3.71 17.58
O4 SO4 E . -4.30 5.78 17.78
C1 EDO F . -19.77 4.43 -4.84
O1 EDO F . -19.63 5.83 -5.11
C2 EDO F . -19.67 3.60 -6.10
O2 EDO F . -20.34 2.34 -5.91
S H2S G . 3.80 -2.01 3.73
S1 THJ H . 3.12 -1.89 7.58
O1 THJ H . 2.22 -2.94 7.08
O2 THJ H . 4.54 -2.25 7.28
O3 THJ H . 2.95 -1.74 9.04
S2 THJ H . 2.67 -0.32 6.83
I IOD I . 4.01 -18.86 -3.45
#